data_9FNB
#
_entry.id   9FNB
#
_cell.length_a   1.00
_cell.length_b   1.00
_cell.length_c   1.00
_cell.angle_alpha   90.00
_cell.angle_beta   90.00
_cell.angle_gamma   90.00
#
_symmetry.space_group_name_H-M   'P 1'
#
loop_
_entity.id
_entity.type
_entity.pdbx_description
1 polymer 'Transmembrane protein 106B'
2 non-polymer 2-acetamido-2-deoxy-beta-D-glucopyranose
#
_entity_poly.entity_id   1
_entity_poly.type   'polypeptide(L)'
_entity_poly.pdbx_seq_one_letter_code
;SIDVKYIGVKSAYVSYDVQKRTIYLNITNTLNITNNNYYSVEVENITAQVQFSKTVIGKARLNNITIIGPLDMKQIDYTV
PTVIAEEMSYMYDFCTLISIKVHNIVLMMQVTVTTTYFGHSEQISQERYQYVDCG
;
_entity_poly.pdbx_strand_id   B,A,C,D
#
loop_
_chem_comp.id
_chem_comp.type
_chem_comp.name
_chem_comp.formula
NAG D-saccharide, beta linking 2-acetamido-2-deoxy-beta-D-glucopyranose 'C8 H15 N O6'
#
# COMPACT_ATOMS: atom_id res chain seq x y z
N SER A 1 -3.98 5.18 -12.85
CA SER A 1 -5.29 5.55 -12.22
C SER A 1 -5.52 7.06 -12.25
N ILE A 2 -6.77 7.46 -11.97
CA ILE A 2 -7.17 8.86 -11.95
C ILE A 2 -7.86 9.14 -10.62
N ASP A 3 -7.48 10.26 -9.98
CA ASP A 3 -8.20 10.81 -8.83
C ASP A 3 -8.07 9.86 -7.63
N VAL A 4 -6.82 9.65 -7.20
CA VAL A 4 -6.52 8.85 -6.03
C VAL A 4 -6.06 9.81 -4.94
N LYS A 5 -6.90 10.07 -3.95
CA LYS A 5 -6.69 11.19 -3.05
C LYS A 5 -6.78 10.72 -1.59
N TYR A 6 -5.84 11.19 -0.77
CA TYR A 6 -5.90 11.00 0.67
C TYR A 6 -6.21 12.37 1.29
N ILE A 7 -7.36 12.47 1.97
CA ILE A 7 -7.80 13.71 2.59
C ILE A 7 -7.90 13.44 4.09
N GLY A 8 -7.12 14.16 4.89
CA GLY A 8 -7.06 13.92 6.32
C GLY A 8 -8.34 14.23 7.09
N VAL A 9 -8.99 15.35 6.79
CA VAL A 9 -10.20 15.68 7.53
C VAL A 9 -11.40 15.81 6.58
N LYS A 10 -11.37 16.77 5.67
CA LYS A 10 -12.59 17.28 5.04
C LYS A 10 -12.39 17.50 3.55
N SER A 11 -13.34 17.09 2.73
CA SER A 11 -13.29 17.32 1.30
C SER A 11 -14.60 17.95 0.82
N ALA A 12 -14.49 18.84 -0.17
CA ALA A 12 -15.68 19.41 -0.79
C ALA A 12 -15.40 19.93 -2.19
N TYR A 13 -16.46 20.21 -2.93
CA TYR A 13 -16.30 20.97 -4.16
C TYR A 13 -16.47 22.47 -3.87
N VAL A 14 -17.59 22.85 -3.23
CA VAL A 14 -17.72 24.22 -2.75
C VAL A 14 -18.13 24.18 -1.29
N SER A 15 -17.38 24.87 -0.44
CA SER A 15 -17.59 24.86 1.00
C SER A 15 -17.93 26.27 1.50
N TYR A 16 -18.96 26.38 2.35
CA TYR A 16 -19.26 27.61 3.07
C TYR A 16 -19.34 27.29 4.55
N ASP A 17 -18.36 26.56 5.06
CA ASP A 17 -18.38 26.12 6.44
C ASP A 17 -18.15 27.31 7.37
N VAL A 18 -18.88 27.33 8.51
CA VAL A 18 -18.74 28.35 9.52
C VAL A 18 -18.41 27.69 10.84
N GLN A 19 -17.38 28.19 11.52
CA GLN A 19 -16.80 27.57 12.71
C GLN A 19 -17.37 28.26 13.96
N LYS A 20 -16.84 27.84 15.12
CA LYS A 20 -17.28 28.28 16.43
C LYS A 20 -17.15 29.79 16.63
N ARG A 21 -18.06 30.33 17.46
CA ARG A 21 -18.02 31.72 17.90
C ARG A 21 -17.97 32.65 16.69
N THR A 22 -19.05 32.65 15.92
CA THR A 22 -19.08 33.41 14.69
C THR A 22 -20.42 34.15 14.62
N ILE A 23 -20.39 35.32 13.98
CA ILE A 23 -21.61 36.03 13.60
C ILE A 23 -21.66 36.06 12.07
N TYR A 24 -22.46 35.15 11.51
CA TYR A 24 -22.68 35.09 10.07
C TYR A 24 -24.03 35.78 9.80
N LEU A 25 -23.99 37.01 9.27
CA LEU A 25 -25.17 37.87 9.21
C LEU A 25 -25.21 38.65 7.90
N ASN A 26 -26.34 38.57 7.18
CA ASN A 26 -26.60 39.38 5.99
C ASN A 26 -25.75 38.94 4.79
N ILE A 27 -25.80 37.65 4.50
CA ILE A 27 -24.92 37.07 3.51
C ILE A 27 -25.79 36.62 2.33
N THR A 28 -25.29 36.87 1.11
CA THR A 28 -25.94 36.43 -0.11
C THR A 28 -24.95 35.57 -0.88
N ASN A 29 -25.24 34.26 -1.01
CA ASN A 29 -24.38 33.31 -1.69
C ASN A 29 -25.08 32.79 -2.93
N THR A 30 -24.49 33.03 -4.11
CA THR A 30 -25.08 32.65 -5.38
C THR A 30 -24.10 31.79 -6.16
N LEU A 31 -24.48 30.54 -6.45
CA LEU A 31 -23.57 29.58 -7.06
C LEU A 31 -24.23 28.94 -8.28
N ASN A 32 -23.48 28.96 -9.39
CA ASN A 32 -23.93 28.52 -10.69
C ASN A 32 -22.88 27.56 -11.27
N ILE A 33 -23.09 26.24 -11.08
CA ILE A 33 -22.09 25.23 -11.42
C ILE A 33 -22.49 24.53 -12.72
N THR A 34 -21.52 24.38 -13.63
CA THR A 34 -21.58 23.44 -14.74
C THR A 34 -20.30 22.58 -14.70
N ASN A 35 -20.38 21.41 -14.06
CA ASN A 35 -19.23 20.56 -13.79
C ASN A 35 -19.48 19.18 -14.42
N ASN A 36 -18.87 18.92 -15.58
CA ASN A 36 -19.08 17.67 -16.31
C ASN A 36 -17.76 16.93 -16.48
N ASN A 37 -17.81 15.61 -16.33
CA ASN A 37 -16.61 14.78 -16.42
C ASN A 37 -16.90 13.66 -17.43
N TYR A 38 -16.00 13.50 -18.41
CA TYR A 38 -16.10 12.48 -19.44
C TYR A 38 -14.85 11.61 -19.38
N TYR A 39 -15.02 10.32 -19.06
CA TYR A 39 -13.93 9.39 -18.87
C TYR A 39 -13.97 8.30 -19.93
N SER A 40 -12.81 7.99 -20.50
CA SER A 40 -12.61 6.87 -21.39
C SER A 40 -11.31 6.18 -20.97
N VAL A 41 -11.41 5.15 -20.11
CA VAL A 41 -10.28 4.57 -19.40
C VAL A 41 -10.21 3.06 -19.66
N GLU A 42 -9.03 2.57 -20.07
CA GLU A 42 -8.80 1.16 -20.39
C GLU A 42 -9.77 0.71 -21.48
N VAL A 43 -9.74 1.42 -22.61
CA VAL A 43 -10.66 1.16 -23.71
C VAL A 43 -9.85 0.58 -24.85
N GLU A 44 -10.20 -0.63 -25.29
CA GLU A 44 -9.53 -1.27 -26.41
C GLU A 44 -10.43 -1.17 -27.63
N ASN A 45 -9.86 -0.68 -28.75
CA ASN A 45 -10.56 -0.58 -30.02
C ASN A 45 -9.72 -1.25 -31.09
N ILE A 46 -9.85 -2.59 -31.15
CA ILE A 46 -8.93 -3.42 -31.91
C ILE A 46 -9.73 -4.21 -32.95
N THR A 47 -9.27 -4.19 -34.21
CA THR A 47 -9.90 -5.05 -35.22
C THR A 47 -9.60 -6.52 -34.93
N ALA A 48 -8.32 -6.91 -35.02
CA ALA A 48 -7.88 -8.27 -34.73
C ALA A 48 -6.92 -8.27 -33.56
N GLN A 49 -7.20 -9.09 -32.54
CA GLN A 49 -6.35 -9.25 -31.36
C GLN A 49 -6.01 -10.73 -31.18
N VAL A 50 -4.72 -11.06 -31.16
CA VAL A 50 -4.28 -12.44 -30.94
C VAL A 50 -3.29 -12.42 -29.78
N GLN A 51 -3.59 -13.17 -28.72
CA GLN A 51 -2.74 -13.24 -27.54
C GLN A 51 -2.64 -14.70 -27.15
N PHE A 52 -1.44 -15.22 -26.97
CA PHE A 52 -1.34 -16.58 -26.48
C PHE A 52 -0.02 -16.88 -25.81
N SER A 53 0.00 -17.99 -25.09
CA SER A 53 1.20 -18.52 -24.47
C SER A 53 1.38 -19.93 -25.02
N LYS A 54 2.62 -20.31 -25.36
CA LYS A 54 2.88 -21.63 -25.89
C LYS A 54 4.14 -22.21 -25.24
N THR A 55 4.05 -23.46 -24.78
CA THR A 55 5.19 -24.17 -24.23
C THR A 55 5.26 -25.54 -24.89
N VAL A 56 6.31 -25.77 -25.67
CA VAL A 56 6.49 -27.00 -26.42
C VAL A 56 7.76 -27.69 -25.93
N ILE A 57 7.67 -29.01 -25.67
CA ILE A 57 8.83 -29.84 -25.37
C ILE A 57 8.88 -30.97 -26.40
N GLY A 58 9.99 -31.03 -27.16
CA GLY A 58 10.16 -31.96 -28.26
C GLY A 58 10.77 -33.29 -27.80
N LYS A 59 11.92 -33.64 -28.40
CA LYS A 59 12.57 -34.92 -28.14
C LYS A 59 13.75 -34.69 -27.21
N ALA A 60 13.44 -34.19 -26.01
CA ALA A 60 14.44 -33.81 -25.02
C ALA A 60 14.56 -34.88 -23.94
N ARG A 61 15.73 -34.90 -23.29
CA ARG A 61 16.00 -35.75 -22.16
C ARG A 61 16.25 -34.83 -20.97
N LEU A 62 15.33 -34.80 -20.01
CA LEU A 62 15.46 -33.98 -18.81
C LEU A 62 15.65 -34.91 -17.63
N ASN A 63 16.63 -34.61 -16.78
CA ASN A 63 16.92 -35.42 -15.61
C ASN A 63 17.49 -34.56 -14.49
N ASN A 64 17.01 -34.77 -13.25
CA ASN A 64 17.55 -34.10 -12.07
C ASN A 64 17.40 -32.59 -12.21
N ILE A 65 16.14 -32.13 -12.27
CA ILE A 65 15.84 -30.72 -12.43
C ILE A 65 15.00 -30.30 -11.24
N THR A 66 15.45 -29.25 -10.52
CA THR A 66 14.74 -28.74 -9.37
C THR A 66 14.44 -27.26 -9.61
N ILE A 67 13.16 -26.89 -9.50
CA ILE A 67 12.75 -25.50 -9.54
C ILE A 67 12.12 -25.19 -8.19
N ILE A 68 12.53 -24.08 -7.58
CA ILE A 68 11.96 -23.61 -6.33
C ILE A 68 11.45 -22.19 -6.55
N GLY A 69 10.16 -21.97 -6.28
CA GLY A 69 9.56 -20.66 -6.40
C GLY A 69 10.06 -19.70 -5.33
N PRO A 70 9.62 -18.42 -5.38
CA PRO A 70 10.05 -17.43 -4.41
C PRO A 70 9.45 -17.57 -3.01
N LEU A 71 10.00 -16.77 -2.08
CA LEU A 71 9.59 -16.74 -0.68
C LEU A 71 9.76 -18.12 -0.03
N ASP A 72 10.96 -18.69 -0.15
CA ASP A 72 11.28 -19.94 0.52
C ASP A 72 11.99 -19.64 1.83
N MET A 73 11.44 -20.12 2.96
CA MET A 73 11.99 -19.87 4.29
C MET A 73 12.30 -21.21 4.95
N LYS A 74 13.54 -21.39 5.43
CA LYS A 74 13.99 -22.67 5.96
C LYS A 74 14.98 -22.43 7.09
N GLN A 75 14.78 -23.10 8.24
CA GLN A 75 15.62 -22.93 9.43
C GLN A 75 15.60 -21.49 9.95
N ILE A 76 14.41 -21.02 10.31
CA ILE A 76 14.26 -19.73 10.95
C ILE A 76 14.01 -20.00 12.42
N ASP A 77 14.54 -19.14 13.29
CA ASP A 77 14.42 -19.34 14.73
C ASP A 77 14.27 -18.00 15.45
N TYR A 78 13.29 -17.93 16.36
CA TYR A 78 13.08 -16.77 17.21
C TYR A 78 13.09 -17.22 18.66
N THR A 79 13.93 -16.56 19.46
CA THR A 79 14.12 -16.89 20.87
C THR A 79 14.06 -15.60 21.66
N VAL A 80 12.93 -15.37 22.34
CA VAL A 80 12.71 -14.15 23.12
C VAL A 80 12.29 -14.58 24.52
N PRO A 81 13.23 -15.06 25.37
CA PRO A 81 12.88 -15.41 26.74
C PRO A 81 12.80 -14.15 27.60
N THR A 82 11.88 -14.18 28.57
CA THR A 82 11.73 -13.11 29.54
C THR A 82 11.73 -13.73 30.94
N VAL A 83 12.71 -13.37 31.75
CA VAL A 83 12.83 -13.85 33.12
C VAL A 83 12.80 -12.64 34.03
N ILE A 84 11.92 -12.66 35.04
CA ILE A 84 11.87 -11.63 36.06
C ILE A 84 11.97 -12.31 37.42
N ALA A 85 13.05 -12.00 38.16
CA ALA A 85 13.27 -12.47 39.52
C ALA A 85 13.21 -11.29 40.47
N GLU A 86 12.38 -11.39 41.52
CA GLU A 86 12.22 -10.34 42.51
C GLU A 86 12.38 -10.89 43.93
N GLU A 87 13.06 -10.11 44.78
CA GLU A 87 13.25 -10.46 46.18
C GLU A 87 13.17 -9.21 47.03
N MET A 88 12.06 -9.06 47.77
CA MET A 88 11.82 -7.89 48.61
C MET A 88 11.88 -6.62 47.76
N SER A 89 11.15 -6.64 46.64
CA SER A 89 11.29 -5.61 45.62
C SER A 89 9.92 -5.10 45.20
N TYR A 90 9.90 -3.91 44.60
CA TYR A 90 8.71 -3.34 44.00
C TYR A 90 8.95 -3.22 42.50
N MET A 91 7.91 -3.52 41.72
CA MET A 91 8.00 -3.41 40.28
C MET A 91 6.65 -3.02 39.69
N TYR A 92 6.62 -1.98 38.86
CA TYR A 92 5.42 -1.50 38.20
C TYR A 92 5.66 -1.43 36.69
N ASP A 93 4.82 -2.11 35.90
CA ASP A 93 4.91 -2.09 34.45
C ASP A 93 3.60 -1.53 33.89
N PHE A 94 3.73 -0.52 33.02
CA PHE A 94 2.61 0.08 32.33
C PHE A 94 2.95 0.12 30.84
N CYS A 95 2.06 -0.41 30.00
CA CYS A 95 2.16 -0.29 28.55
C CYS A 95 3.45 -0.93 28.05
N THR A 96 3.53 -2.25 28.26
CA THR A 96 4.67 -3.06 27.87
C THR A 96 4.25 -3.99 26.75
N LEU A 97 5.04 -4.02 25.67
CA LEU A 97 4.69 -4.78 24.49
C LEU A 97 5.89 -5.56 23.98
N ILE A 98 5.71 -6.87 23.77
CA ILE A 98 6.67 -7.71 23.07
C ILE A 98 5.99 -8.17 21.79
N SER A 99 6.50 -7.73 20.64
CA SER A 99 5.88 -8.01 19.36
C SER A 99 6.86 -8.79 18.50
N ILE A 100 6.45 -9.95 17.98
CA ILE A 100 7.27 -10.73 17.07
C ILE A 100 6.43 -11.05 15.86
N LYS A 101 6.90 -10.67 14.66
CA LYS A 101 6.20 -10.97 13.42
C LYS A 101 4.76 -10.46 13.49
N VAL A 102 4.59 -9.16 13.63
CA VAL A 102 3.27 -8.55 13.58
C VAL A 102 3.14 -7.90 12.21
N HIS A 103 2.03 -8.18 11.51
CA HIS A 103 1.77 -7.65 10.19
C HIS A 103 0.42 -6.94 10.20
N ASN A 104 0.33 -5.82 9.48
CA ASN A 104 -0.94 -5.16 9.21
C ASN A 104 -1.50 -5.62 7.86
N ILE A 105 -0.88 -5.26 6.74
CA ILE A 105 -1.41 -5.52 5.40
C ILE A 105 -0.41 -6.37 4.63
N VAL A 106 -0.89 -7.42 3.98
CA VAL A 106 -0.10 -8.18 3.01
C VAL A 106 -0.96 -8.33 1.77
N LEU A 107 -0.56 -7.70 0.65
CA LEU A 107 -1.19 -7.91 -0.65
C LEU A 107 -0.20 -8.59 -1.59
N MET A 108 -0.60 -9.75 -2.13
CA MET A 108 0.20 -10.52 -3.05
C MET A 108 -0.59 -10.70 -4.34
N MET A 109 0.05 -10.40 -5.47
CA MET A 109 -0.51 -10.57 -6.80
C MET A 109 0.55 -11.21 -7.70
N GLN A 110 0.15 -12.25 -8.46
CA GLN A 110 1.03 -12.91 -9.42
C GLN A 110 2.37 -13.35 -8.81
N VAL A 111 2.32 -14.05 -7.67
CA VAL A 111 3.49 -14.63 -7.04
C VAL A 111 3.54 -16.08 -7.48
N THR A 112 4.38 -16.36 -8.47
CA THR A 112 4.32 -17.64 -9.15
C THR A 112 5.74 -18.13 -9.49
N VAL A 113 5.81 -19.31 -10.09
CA VAL A 113 7.05 -19.72 -10.74
C VAL A 113 7.11 -19.18 -12.16
N THR A 114 6.06 -19.44 -12.97
CA THR A 114 5.98 -18.91 -14.32
C THR A 114 4.68 -18.12 -14.47
N THR A 115 4.78 -16.99 -15.18
CA THR A 115 3.62 -16.14 -15.45
C THR A 115 3.68 -15.66 -16.90
N THR A 116 2.51 -15.64 -17.56
CA THR A 116 2.31 -14.81 -18.73
C THR A 116 1.05 -13.98 -18.52
N TYR A 117 1.15 -12.64 -18.58
CA TYR A 117 0.05 -11.77 -18.25
C TYR A 117 -0.23 -10.79 -19.38
N PHE A 118 -1.51 -10.66 -19.77
CA PHE A 118 -1.94 -9.63 -20.71
C PHE A 118 -3.01 -8.78 -20.06
N GLY A 119 -2.72 -7.50 -19.78
CA GLY A 119 -3.73 -6.55 -19.37
C GLY A 119 -3.28 -5.59 -18.28
N HIS A 120 -4.16 -5.27 -17.33
CA HIS A 120 -3.94 -4.20 -16.36
C HIS A 120 -3.87 -4.79 -14.96
N SER A 121 -2.93 -4.32 -14.15
CA SER A 121 -2.79 -4.74 -12.76
C SER A 121 -2.61 -3.52 -11.87
N GLU A 122 -3.26 -3.50 -10.69
CA GLU A 122 -3.10 -2.37 -9.81
C GLU A 122 -3.20 -2.79 -8.34
N GLN A 123 -2.44 -2.13 -7.48
CA GLN A 123 -2.62 -2.27 -6.04
C GLN A 123 -2.65 -0.88 -5.42
N ILE A 124 -3.68 -0.57 -4.63
CA ILE A 124 -3.79 0.71 -3.95
C ILE A 124 -3.96 0.45 -2.46
N SER A 125 -3.18 1.16 -1.64
CA SER A 125 -3.34 1.11 -0.20
C SER A 125 -3.49 2.53 0.35
N GLN A 126 -4.55 2.79 1.12
CA GLN A 126 -4.68 4.04 1.83
C GLN A 126 -4.98 3.78 3.31
N GLU A 127 -4.21 4.36 4.23
CA GLU A 127 -4.51 4.16 5.63
C GLU A 127 -4.02 5.24 6.55
N ARG A 128 -4.61 5.29 7.74
CA ARG A 128 -4.03 5.99 8.87
C ARG A 128 -3.63 4.94 9.90
N TYR A 129 -2.36 4.92 10.30
CA TYR A 129 -1.75 3.83 11.06
C TYR A 129 -1.19 4.38 12.36
N GLN A 130 -1.50 3.70 13.46
CA GLN A 130 -1.02 4.11 14.77
C GLN A 130 -0.79 2.87 15.60
N TYR A 131 0.46 2.58 15.95
CA TYR A 131 0.79 1.32 16.59
C TYR A 131 0.51 1.37 18.09
N VAL A 132 1.15 2.29 18.82
CA VAL A 132 0.98 2.36 20.27
C VAL A 132 0.61 3.78 20.66
N ASP A 133 -0.43 3.89 21.49
CA ASP A 133 -0.85 5.15 22.09
C ASP A 133 -1.18 4.84 23.54
N CYS A 134 -0.24 5.13 24.45
CA CYS A 134 -0.51 4.97 25.87
C CYS A 134 0.00 6.19 26.63
N GLY A 135 -0.87 7.20 26.76
CA GLY A 135 -0.58 8.43 27.47
C GLY A 135 -1.10 8.41 28.89
N SER B 1 3.91 10.57 -14.96
CA SER B 1 2.59 10.94 -14.35
C SER B 1 2.35 12.45 -14.41
N ILE B 2 1.10 12.84 -14.14
CA ILE B 2 0.69 14.25 -14.14
C ILE B 2 -0.01 14.55 -12.82
N ASP B 3 0.36 15.68 -12.19
CA ASP B 3 -0.38 16.24 -11.06
C ASP B 3 -0.25 15.30 -9.85
N VAL B 4 1.00 15.10 -9.41
CA VAL B 4 1.29 14.31 -8.22
C VAL B 4 1.74 15.29 -7.13
N LYS B 5 0.88 15.56 -6.15
CA LYS B 5 1.08 16.70 -5.26
C LYS B 5 0.98 16.24 -3.81
N TYR B 6 1.90 16.73 -2.97
CA TYR B 6 1.84 16.56 -1.53
C TYR B 6 1.53 17.92 -0.94
N ILE B 7 0.36 18.03 -0.28
CA ILE B 7 -0.08 19.27 0.34
C ILE B 7 -0.19 19.03 1.83
N GLY B 8 0.57 19.77 2.63
CA GLY B 8 0.62 19.54 4.07
C GLY B 8 -0.67 19.86 4.83
N VAL B 9 -1.32 20.98 4.51
CA VAL B 9 -2.54 21.32 5.22
C VAL B 9 -3.73 21.42 4.27
N LYS B 10 -3.69 22.37 3.34
CA LYS B 10 -4.91 22.87 2.70
C LYS B 10 -4.69 23.08 1.20
N SER B 11 -5.63 22.64 0.38
CA SER B 11 -5.58 22.87 -1.06
C SER B 11 -6.88 23.48 -1.56
N ALA B 12 -6.77 24.37 -2.55
CA ALA B 12 -7.95 24.92 -3.19
C ALA B 12 -7.65 25.42 -4.60
N TYR B 13 -8.70 25.69 -5.35
CA TYR B 13 -8.54 26.44 -6.59
C TYR B 13 -8.72 27.93 -6.31
N VAL B 14 -9.84 28.32 -5.70
CA VAL B 14 -9.98 29.69 -5.24
C VAL B 14 -10.40 29.67 -3.78
N SER B 15 -9.67 30.38 -2.94
CA SER B 15 -9.89 30.39 -1.49
C SER B 15 -10.24 31.80 -1.01
N TYR B 16 -11.27 31.92 -0.17
CA TYR B 16 -11.59 33.16 0.52
C TYR B 16 -11.68 32.86 2.01
N ASP B 17 -10.70 32.13 2.53
CA ASP B 17 -10.74 31.71 3.92
C ASP B 17 -10.52 32.92 4.84
N VAL B 18 -11.25 32.94 5.97
CA VAL B 18 -11.13 33.99 6.96
C VAL B 18 -10.81 33.34 8.31
N GLN B 19 -9.78 33.85 8.99
CA GLN B 19 -9.21 33.25 10.19
C GLN B 19 -9.79 33.94 11.41
N LYS B 20 -9.28 33.55 12.58
CA LYS B 20 -9.73 34.00 13.89
C LYS B 20 -9.61 35.52 14.07
N ARG B 21 -10.53 36.07 14.89
CA ARG B 21 -10.49 37.46 15.32
C ARG B 21 -10.43 38.37 14.10
N THR B 22 -11.51 38.37 13.31
CA THR B 22 -11.53 39.11 12.06
C THR B 22 -12.87 39.84 11.97
N ILE B 23 -12.84 41.01 11.33
CA ILE B 23 -14.05 41.70 10.93
C ILE B 23 -14.09 41.72 9.40
N TYR B 24 -14.88 40.80 8.83
CA TYR B 24 -15.10 40.71 7.39
C TYR B 24 -16.44 41.41 7.11
N LEU B 25 -16.39 42.63 6.56
CA LEU B 25 -17.57 43.48 6.48
C LEU B 25 -17.61 44.24 5.16
N ASN B 26 -18.73 44.15 4.43
CA ASN B 26 -18.98 44.94 3.23
C ASN B 26 -18.12 44.50 2.05
N ILE B 27 -18.16 43.19 1.77
CA ILE B 27 -17.27 42.60 0.78
C ILE B 27 -18.13 42.14 -0.39
N THR B 28 -17.62 42.37 -1.60
CA THR B 28 -18.26 41.91 -2.82
C THR B 28 -17.25 41.06 -3.58
N ASN B 29 -17.54 39.74 -3.69
CA ASN B 29 -16.67 38.78 -4.35
C ASN B 29 -17.36 38.24 -5.60
N THR B 30 -16.77 38.47 -6.77
CA THR B 30 -17.34 38.07 -8.05
C THR B 30 -16.35 37.21 -8.80
N LEU B 31 -16.72 35.95 -9.08
CA LEU B 31 -15.80 34.98 -9.66
C LEU B 31 -16.45 34.33 -10.90
N ASN B 32 -15.69 34.33 -11.99
CA ASN B 32 -16.12 33.87 -13.30
C ASN B 32 -15.08 32.91 -13.84
N ILE B 33 -15.27 31.59 -13.65
CA ILE B 33 -14.27 30.58 -13.97
C ILE B 33 -14.66 29.87 -15.26
N THR B 34 -13.68 29.71 -16.15
CA THR B 34 -13.72 28.75 -17.25
C THR B 34 -12.45 27.91 -17.19
N ASN B 35 -12.53 26.73 -16.53
CA ASN B 35 -11.38 25.89 -16.24
C ASN B 35 -11.62 24.50 -16.85
N ASN B 36 -11.00 24.23 -18.01
CA ASN B 36 -11.20 22.97 -18.72
C ASN B 36 -9.87 22.23 -18.87
N ASN B 37 -9.92 20.91 -18.70
CA ASN B 37 -8.72 20.08 -18.78
C ASN B 37 -9.00 18.95 -19.77
N TYR B 38 -8.09 18.78 -20.74
CA TYR B 38 -8.17 17.75 -21.76
C TYR B 38 -6.93 16.88 -21.67
N TYR B 39 -7.10 15.60 -21.33
CA TYR B 39 -6.00 14.66 -21.13
C TYR B 39 -6.04 13.55 -22.17
N SER B 40 -4.87 13.26 -22.73
CA SER B 40 -4.65 12.13 -23.61
C SER B 40 -3.35 11.43 -23.17
N VAL B 41 -3.46 10.42 -22.29
CA VAL B 41 -2.34 9.85 -21.56
C VAL B 41 -2.26 8.34 -21.80
N GLU B 42 -1.07 7.85 -22.20
CA GLU B 42 -0.84 6.44 -22.50
C GLU B 42 -1.80 5.97 -23.59
N VAL B 43 -1.76 6.67 -24.73
CA VAL B 43 -2.67 6.40 -25.83
C VAL B 43 -1.84 5.80 -26.96
N GLU B 44 -2.19 4.58 -27.39
CA GLU B 44 -1.50 3.92 -28.49
C GLU B 44 -2.39 4.00 -29.73
N ASN B 45 -1.82 4.49 -30.84
CA ASN B 45 -2.50 4.57 -32.12
C ASN B 45 -1.65 3.88 -33.16
N ILE B 46 -1.77 2.55 -33.22
CA ILE B 46 -0.86 1.71 -33.96
C ILE B 46 -1.64 0.91 -35.00
N THR B 47 -1.16 0.90 -36.25
CA THR B 47 -1.79 0.04 -37.25
C THR B 47 -1.48 -1.43 -36.94
N ALA B 48 -0.20 -1.82 -37.00
CA ALA B 48 0.24 -3.18 -36.71
C ALA B 48 1.19 -3.15 -35.52
N GLN B 49 0.90 -3.96 -34.49
CA GLN B 49 1.75 -4.11 -33.31
C GLN B 49 2.08 -5.57 -33.10
N VAL B 50 3.38 -5.92 -33.07
CA VAL B 50 3.82 -7.29 -32.82
C VAL B 50 4.80 -7.24 -31.66
N GLN B 51 4.48 -7.98 -30.59
CA GLN B 51 5.32 -8.04 -29.41
C GLN B 51 5.43 -9.50 -29.00
N PHE B 52 6.63 -10.01 -28.78
CA PHE B 52 6.72 -11.36 -28.27
C PHE B 52 8.04 -11.65 -27.60
N SER B 53 8.06 -12.75 -26.86
CA SER B 53 9.25 -13.27 -26.23
C SER B 53 9.44 -14.69 -26.76
N LYS B 54 10.68 -15.06 -27.08
CA LYS B 54 10.96 -16.40 -27.60
C LYS B 54 12.21 -16.95 -26.93
N THR B 55 12.12 -18.20 -26.45
CA THR B 55 13.26 -18.90 -25.87
C THR B 55 13.33 -20.28 -26.52
N VAL B 56 14.40 -20.52 -27.29
CA VAL B 56 14.58 -21.76 -28.02
C VAL B 56 15.85 -22.44 -27.51
N ILE B 57 15.75 -23.75 -27.24
CA ILE B 57 16.92 -24.58 -26.91
C ILE B 57 16.98 -25.72 -27.93
N GLY B 58 18.09 -25.79 -28.67
CA GLY B 58 18.28 -26.73 -29.75
C GLY B 58 18.89 -28.05 -29.28
N LYS B 59 20.05 -28.42 -29.86
CA LYS B 59 20.70 -29.69 -29.59
C LYS B 59 21.86 -29.44 -28.64
N ALA B 60 21.54 -28.93 -27.45
CA ALA B 60 22.54 -28.53 -26.47
C ALA B 60 22.64 -29.58 -25.36
N ARG B 61 23.81 -29.59 -24.70
CA ARG B 61 24.08 -30.43 -23.55
C ARG B 61 24.32 -29.49 -22.37
N LEU B 62 23.38 -29.45 -21.43
CA LEU B 62 23.50 -28.61 -20.24
C LEU B 62 23.68 -29.53 -19.04
N ASN B 63 24.66 -29.21 -18.19
CA ASN B 63 24.93 -30.00 -17.00
C ASN B 63 25.49 -29.13 -15.89
N ASN B 64 25.00 -29.33 -14.65
CA ASN B 64 25.52 -28.64 -13.48
C ASN B 64 25.37 -27.13 -13.65
N ILE B 65 24.11 -26.68 -13.73
CA ILE B 65 23.81 -25.27 -13.90
C ILE B 65 22.95 -24.84 -12.72
N THR B 66 23.40 -23.79 -12.02
CA THR B 66 22.67 -23.25 -10.88
C THR B 66 22.37 -21.78 -11.13
N ILE B 67 21.10 -21.41 -11.04
CA ILE B 67 20.68 -20.02 -11.10
C ILE B 67 20.03 -19.70 -9.77
N ILE B 68 20.44 -18.58 -9.16
CA ILE B 68 19.85 -18.09 -7.92
C ILE B 68 19.34 -16.68 -8.18
N GLY B 69 18.05 -16.46 -7.92
CA GLY B 69 17.45 -15.16 -8.06
C GLY B 69 17.93 -14.17 -6.99
N PRO B 70 17.49 -12.91 -7.06
CA PRO B 70 17.91 -11.89 -6.10
C PRO B 70 17.30 -12.02 -4.71
N LEU B 71 17.83 -11.20 -3.78
CA LEU B 71 17.42 -11.16 -2.38
C LEU B 71 17.58 -12.53 -1.72
N ASP B 72 18.78 -13.10 -1.82
CA ASP B 72 19.10 -14.34 -1.13
C ASP B 72 19.79 -14.01 0.18
N MET B 73 19.24 -14.49 1.31
CA MET B 73 19.78 -14.22 2.64
C MET B 73 20.09 -15.55 3.32
N LYS B 74 21.32 -15.71 3.82
CA LYS B 74 21.77 -16.99 4.36
C LYS B 74 22.74 -16.73 5.51
N GLN B 75 22.54 -17.39 6.66
CA GLN B 75 23.37 -17.21 7.85
C GLN B 75 23.34 -15.76 8.36
N ILE B 76 22.14 -15.29 8.70
CA ILE B 76 21.98 -13.99 9.32
C ILE B 76 21.72 -14.24 10.80
N ASP B 77 22.24 -13.37 11.66
CA ASP B 77 22.11 -13.54 13.10
C ASP B 77 21.95 -12.21 13.81
N TYR B 78 20.96 -12.12 14.70
CA TYR B 78 20.74 -10.95 15.53
C TYR B 78 20.73 -11.38 16.99
N THR B 79 21.57 -10.72 17.79
CA THR B 79 21.74 -11.02 19.19
C THR B 79 21.67 -9.71 19.98
N VAL B 80 20.53 -9.48 20.64
CA VAL B 80 20.31 -8.26 21.40
C VAL B 80 19.87 -8.67 22.81
N PRO B 81 20.80 -9.13 23.67
CA PRO B 81 20.45 -9.47 25.04
C PRO B 81 20.35 -8.21 25.88
N THR B 82 19.42 -8.22 26.85
CA THR B 82 19.26 -7.13 27.81
C THR B 82 19.25 -7.74 29.21
N VAL B 83 20.24 -7.37 30.03
CA VAL B 83 20.33 -7.82 31.41
C VAL B 83 20.29 -6.61 32.30
N ILE B 84 19.41 -6.62 33.30
CA ILE B 84 19.34 -5.57 34.30
C ILE B 84 19.43 -6.23 35.68
N ALA B 85 20.50 -5.91 36.42
CA ALA B 85 20.71 -6.36 37.78
C ALA B 85 20.64 -5.17 38.72
N GLU B 86 19.80 -5.27 39.77
CA GLU B 86 19.62 -4.20 40.74
C GLU B 86 19.78 -4.73 42.16
N GLU B 87 20.44 -3.94 43.02
CA GLU B 87 20.62 -4.27 44.42
C GLU B 87 20.53 -3.00 45.26
N MET B 88 19.42 -2.85 45.99
CA MET B 88 19.15 -1.67 46.80
C MET B 88 19.23 -0.41 45.93
N SER B 89 18.51 -0.45 44.81
CA SER B 89 18.65 0.57 43.78
C SER B 89 17.28 1.06 43.34
N TYR B 90 17.27 2.25 42.73
CA TYR B 90 16.08 2.81 42.11
C TYR B 90 16.34 2.91 40.61
N MET B 91 15.30 2.60 39.83
CA MET B 91 15.41 2.69 38.38
C MET B 91 14.06 3.07 37.78
N TYR B 92 14.05 4.10 36.94
CA TYR B 92 12.85 4.56 36.25
C TYR B 92 13.09 4.62 34.75
N ASP B 93 12.27 3.92 33.96
CA ASP B 93 12.36 3.94 32.51
C ASP B 93 11.07 4.48 31.93
N PHE B 94 11.20 5.48 31.05
CA PHE B 94 10.08 6.06 30.33
C PHE B 94 10.44 6.08 28.86
N CYS B 95 9.56 5.54 28.00
CA CYS B 95 9.67 5.65 26.56
C CYS B 95 10.97 5.00 26.08
N THR B 96 11.05 3.69 26.30
CA THR B 96 12.20 2.88 25.94
C THR B 96 11.79 1.93 24.82
N LEU B 97 12.59 1.88 23.75
CA LEU B 97 12.25 1.11 22.58
C LEU B 97 13.45 0.32 22.09
N ILE B 98 13.28 -0.99 21.90
CA ILE B 98 14.26 -1.82 21.22
C ILE B 98 13.58 -2.31 19.94
N SER B 99 14.10 -1.88 18.79
CA SER B 99 13.49 -2.19 17.50
C SER B 99 14.49 -2.97 16.66
N ILE B 100 14.08 -4.14 16.16
CA ILE B 100 14.92 -4.93 15.27
C ILE B 100 14.08 -5.27 14.04
N LYS B 101 14.56 -4.90 12.85
CA LYS B 101 13.87 -5.22 11.60
C LYS B 101 12.43 -4.72 11.66
N VAL B 102 12.26 -3.41 11.78
CA VAL B 102 10.94 -2.80 11.70
C VAL B 102 10.82 -2.17 10.33
N HIS B 103 9.73 -2.47 9.63
CA HIS B 103 9.47 -1.95 8.30
C HIS B 103 8.12 -1.25 8.28
N ASN B 104 8.03 -0.14 7.55
CA ASN B 104 6.76 0.51 7.26
C ASN B 104 6.21 0.04 5.91
N ILE B 105 6.84 0.38 4.78
CA ILE B 105 6.33 0.11 3.45
C ILE B 105 7.33 -0.75 2.71
N VAL B 106 6.87 -1.81 2.05
CA VAL B 106 7.67 -2.58 1.11
C VAL B 106 6.82 -2.76 -0.14
N LEU B 107 7.23 -2.13 -1.27
CA LEU B 107 6.62 -2.36 -2.56
C LEU B 107 7.61 -3.04 -3.49
N MET B 108 7.22 -4.21 -4.02
CA MET B 108 8.03 -4.99 -4.93
C MET B 108 7.25 -5.18 -6.21
N MET B 109 7.90 -4.91 -7.34
CA MET B 109 7.36 -5.09 -8.68
C MET B 109 8.42 -5.74 -9.56
N GLN B 110 8.04 -6.80 -10.31
CA GLN B 110 8.93 -7.47 -11.25
C GLN B 110 10.26 -7.89 -10.62
N VAL B 111 10.20 -8.57 -9.47
CA VAL B 111 11.38 -9.14 -8.83
C VAL B 111 11.42 -10.60 -9.25
N THR B 112 12.27 -10.89 -10.23
CA THR B 112 12.23 -12.18 -10.89
C THR B 112 13.64 -12.67 -11.21
N VAL B 113 13.73 -13.86 -11.80
CA VAL B 113 14.98 -14.28 -12.43
C VAL B 113 15.04 -13.75 -13.86
N THR B 114 14.01 -14.02 -14.67
CA THR B 114 13.94 -13.52 -16.03
C THR B 114 12.64 -12.73 -16.20
N THR B 115 12.73 -11.60 -16.93
CA THR B 115 11.58 -10.77 -17.22
C THR B 115 11.65 -10.31 -18.67
N THR B 116 10.49 -10.30 -19.33
CA THR B 116 10.30 -9.48 -20.52
C THR B 116 9.03 -8.65 -20.35
N TYR B 117 9.13 -7.32 -20.42
CA TYR B 117 8.02 -6.44 -20.11
C TYR B 117 7.75 -5.47 -21.26
N PHE B 118 6.48 -5.35 -21.65
CA PHE B 118 6.05 -4.34 -22.61
C PHE B 118 4.97 -3.48 -21.98
N GLY B 119 5.27 -2.20 -21.72
CA GLY B 119 4.24 -1.24 -21.33
C GLY B 119 4.68 -0.27 -20.25
N HIS B 120 3.79 0.06 -19.31
CA HIS B 120 4.00 1.14 -18.36
C HIS B 120 4.06 0.56 -16.94
N SER B 121 4.99 1.05 -16.12
CA SER B 121 5.12 0.65 -14.73
C SER B 121 5.28 1.88 -13.86
N GLU B 122 4.62 1.91 -12.69
CA GLU B 122 4.78 3.06 -11.82
C GLU B 122 4.65 2.66 -10.35
N GLN B 123 5.41 3.33 -9.48
CA GLN B 123 5.22 3.21 -8.04
C GLN B 123 5.18 4.61 -7.44
N ILE B 124 4.14 4.93 -6.67
CA ILE B 124 4.02 6.21 -6.00
C ILE B 124 3.83 5.97 -4.52
N SER B 125 4.60 6.69 -3.69
CA SER B 125 4.44 6.66 -2.25
C SER B 125 4.28 8.07 -1.73
N GLN B 126 3.21 8.35 -0.97
CA GLN B 126 3.07 9.62 -0.27
C GLN B 126 2.75 9.37 1.20
N GLU B 127 3.51 9.97 2.12
CA GLU B 127 3.20 9.78 3.52
C GLU B 127 3.68 10.87 4.43
N ARG B 128 3.08 10.94 5.62
CA ARG B 128 3.65 11.65 6.74
C ARG B 128 4.05 10.61 7.79
N TYR B 129 5.31 10.61 8.20
CA TYR B 129 5.91 9.54 8.98
C TYR B 129 6.46 10.09 10.28
N GLN B 130 6.14 9.43 11.38
CA GLN B 130 6.60 9.86 12.69
C GLN B 130 6.83 8.62 13.55
N TYR B 131 8.08 8.35 13.91
CA TYR B 131 8.41 7.09 14.56
C TYR B 131 8.12 7.16 16.06
N VAL B 132 8.75 8.09 16.79
CA VAL B 132 8.56 8.19 18.23
C VAL B 132 8.19 9.61 18.60
N ASP B 133 7.14 9.72 19.42
CA ASP B 133 6.71 10.99 20.00
C ASP B 133 6.37 10.70 21.46
N CYS B 134 7.30 11.01 22.37
CA CYS B 134 7.01 10.86 23.79
C CYS B 134 7.51 12.09 24.54
N GLY B 135 6.64 13.10 24.65
CA GLY B 135 6.92 14.34 25.34
C GLY B 135 6.39 14.34 26.76
N SER C 1 -0.04 7.88 -13.91
CA SER C 1 -1.35 8.25 -13.29
C SER C 1 -1.59 9.76 -13.32
N ILE C 2 -2.84 10.16 -13.05
CA ILE C 2 -3.24 11.55 -13.05
C ILE C 2 -3.93 11.85 -11.72
N ASP C 3 -3.57 12.97 -11.08
CA ASP C 3 -4.29 13.52 -9.94
C ASP C 3 -4.16 12.58 -8.74
N VAL C 4 -2.91 12.38 -8.30
CA VAL C 4 -2.62 11.58 -7.12
C VAL C 4 -2.16 12.55 -6.04
N LYS C 5 -3.01 12.82 -5.05
CA LYS C 5 -2.81 13.94 -4.16
C LYS C 5 -2.90 13.48 -2.70
N TYR C 6 -1.97 13.96 -1.87
CA TYR C 6 -2.03 13.77 -0.43
C TYR C 6 -2.34 15.14 0.18
N ILE C 7 -3.50 15.25 0.84
CA ILE C 7 -3.94 16.49 1.46
C ILE C 7 -4.05 16.23 2.96
N GLY C 8 -3.27 16.96 3.76
CA GLY C 8 -3.22 16.72 5.20
C GLY C 8 -4.51 17.05 5.96
N VAL C 9 -5.15 18.17 5.65
CA VAL C 9 -6.38 18.50 6.38
C VAL C 9 -7.56 18.61 5.43
N LYS C 10 -7.53 19.57 4.50
CA LYS C 10 -8.75 20.07 3.87
C LYS C 10 -8.54 20.29 2.37
N SER C 11 -9.49 19.87 1.55
CA SER C 11 -9.43 20.09 0.13
C SER C 11 -10.74 20.72 -0.37
N ALA C 12 -10.63 21.61 -1.36
CA ALA C 12 -11.82 22.17 -2.00
C ALA C 12 -11.52 22.67 -3.40
N TYR C 13 -12.58 22.95 -4.14
CA TYR C 13 -12.43 23.71 -5.37
C TYR C 13 -12.60 25.20 -5.09
N VAL C 14 -13.71 25.59 -4.47
CA VAL C 14 -13.85 26.95 -3.99
C VAL C 14 -14.27 26.92 -2.54
N SER C 15 -13.53 27.63 -1.68
CA SER C 15 -13.74 27.63 -0.25
C SER C 15 -14.09 29.04 0.24
N TYR C 16 -15.12 29.15 1.09
CA TYR C 16 -15.43 30.38 1.80
C TYR C 16 -15.51 30.08 3.28
N ASP C 17 -14.53 29.34 3.79
CA ASP C 17 -14.57 28.92 5.18
C ASP C 17 -14.34 30.12 6.11
N VAL C 18 -15.07 30.13 7.23
CA VAL C 18 -14.93 31.17 8.24
C VAL C 18 -14.61 30.51 9.57
N GLN C 19 -13.58 31.02 10.25
CA GLN C 19 -13.00 30.41 11.45
C GLN C 19 -13.58 31.10 12.69
N LYS C 20 -13.06 30.69 13.85
CA LYS C 20 -13.50 31.14 15.16
C LYS C 20 -13.38 32.65 15.36
N ARG C 21 -14.30 33.20 16.17
CA ARG C 21 -14.26 34.60 16.61
C ARG C 21 -14.20 35.51 15.40
N THR C 22 -15.28 35.51 14.62
CA THR C 22 -15.31 36.27 13.38
C THR C 22 -16.64 37.00 13.30
N ILE C 23 -16.62 38.17 12.65
CA ILE C 23 -17.83 38.87 12.27
C ILE C 23 -17.88 38.90 10.74
N TYR C 24 -18.67 37.98 10.17
CA TYR C 24 -18.89 37.91 8.74
C TYR C 24 -20.23 38.60 8.45
N LEU C 25 -20.19 39.82 7.91
CA LEU C 25 -21.37 40.68 7.84
C LEU C 25 -21.41 41.45 6.53
N ASN C 26 -22.54 41.37 5.81
CA ASN C 26 -22.79 42.17 4.61
C ASN C 26 -21.93 41.72 3.42
N ILE C 27 -21.98 40.42 3.13
CA ILE C 27 -21.10 39.83 2.14
C ILE C 27 -21.96 39.38 0.97
N THR C 28 -21.46 39.61 -0.25
CA THR C 28 -22.10 39.17 -1.47
C THR C 28 -21.09 38.31 -2.23
N ASN C 29 -21.40 37.01 -2.35
CA ASN C 29 -20.53 36.05 -3.02
C ASN C 29 -21.22 35.51 -4.27
N THR C 30 -20.63 35.76 -5.44
CA THR C 30 -21.22 35.36 -6.72
C THR C 30 -20.22 34.50 -7.48
N LEU C 31 -20.60 33.25 -7.77
CA LEU C 31 -19.69 32.28 -8.36
C LEU C 31 -20.34 31.64 -9.59
N ASN C 32 -19.58 31.65 -10.69
CA ASN C 32 -20.02 31.20 -11.99
C ASN C 32 -18.97 30.24 -12.56
N ILE C 33 -19.19 28.92 -12.37
CA ILE C 33 -18.18 27.91 -12.70
C ILE C 33 -18.58 27.20 -13.99
N THR C 34 -17.60 27.05 -14.89
CA THR C 34 -17.65 26.09 -16.00
C THR C 34 -16.38 25.25 -15.95
N ASN C 35 -16.46 24.07 -15.30
CA ASN C 35 -15.31 23.22 -15.02
C ASN C 35 -15.55 21.84 -15.64
N ASN C 36 -14.94 21.58 -16.79
CA ASN C 36 -15.14 20.32 -17.52
C ASN C 36 -13.81 19.58 -17.68
N ASN C 37 -13.87 18.26 -17.52
CA ASN C 37 -12.67 17.44 -17.60
C ASN C 37 -12.95 16.31 -18.60
N TYR C 38 -12.04 16.14 -19.58
CA TYR C 38 -12.13 15.11 -20.59
C TYR C 38 -10.89 14.24 -20.53
N TYR C 39 -11.06 12.97 -20.20
CA TYR C 39 -9.97 12.03 -20.00
C TYR C 39 -10.01 10.93 -21.05
N SER C 40 -8.84 10.63 -21.61
CA SER C 40 -8.63 9.50 -22.50
C SER C 40 -7.33 8.81 -22.07
N VAL C 41 -7.44 7.78 -21.20
CA VAL C 41 -6.31 7.21 -20.48
C VAL C 41 -6.24 5.71 -20.73
N GLU C 42 -5.06 5.22 -21.13
CA GLU C 42 -4.82 3.81 -21.44
C GLU C 42 -5.79 3.35 -22.54
N VAL C 43 -5.75 4.04 -23.67
CA VAL C 43 -6.66 3.78 -24.77
C VAL C 43 -5.85 3.20 -25.90
N GLU C 44 -6.20 1.98 -26.35
CA GLU C 44 -5.52 1.33 -27.45
C GLU C 44 -6.41 1.41 -28.68
N ASN C 45 -5.84 1.91 -29.80
CA ASN C 45 -6.54 2.00 -31.07
C ASN C 45 -5.68 1.31 -32.12
N ILE C 46 -5.81 -0.01 -32.19
CA ILE C 46 -4.90 -0.85 -32.94
C ILE C 46 -5.69 -1.65 -33.98
N THR C 47 -5.22 -1.65 -35.23
CA THR C 47 -5.85 -2.50 -36.24
C THR C 47 -5.54 -3.98 -35.93
N ALA C 48 -4.26 -4.37 -36.01
CA ALA C 48 -3.83 -5.72 -35.72
C ALA C 48 -2.86 -5.72 -34.54
N GLN C 49 -3.15 -6.53 -33.52
CA GLN C 49 -2.30 -6.67 -32.34
C GLN C 49 -1.97 -8.16 -32.14
N VAL C 50 -0.67 -8.49 -32.12
CA VAL C 50 -0.23 -9.86 -31.88
C VAL C 50 0.75 -9.84 -30.72
N GLN C 51 0.45 -10.58 -29.66
CA GLN C 51 1.30 -10.64 -28.47
C GLN C 51 1.39 -12.10 -28.07
N PHE C 52 2.60 -12.62 -27.88
CA PHE C 52 2.69 -13.97 -27.38
C PHE C 52 4.02 -14.27 -26.70
N SER C 53 4.03 -15.37 -25.97
CA SER C 53 5.23 -15.90 -25.36
C SER C 53 5.41 -17.31 -25.89
N LYS C 54 6.65 -17.68 -26.23
CA LYS C 54 6.92 -19.02 -26.74
C LYS C 54 8.17 -19.58 -26.09
N THR C 55 8.08 -20.83 -25.62
CA THR C 55 9.22 -21.53 -25.05
C THR C 55 9.30 -22.91 -25.70
N VAL C 56 10.35 -23.14 -26.49
CA VAL C 56 10.54 -24.38 -27.22
C VAL C 56 11.81 -25.07 -26.72
N ILE C 57 11.71 -26.38 -26.45
CA ILE C 57 12.87 -27.20 -26.14
C ILE C 57 12.93 -28.34 -27.16
N GLY C 58 14.04 -28.41 -27.91
CA GLY C 58 14.22 -29.35 -29.01
C GLY C 58 14.83 -30.67 -28.54
N LYS C 59 15.99 -31.03 -29.13
CA LYS C 59 16.64 -32.31 -28.86
C LYS C 59 17.81 -32.07 -27.92
N ALA C 60 17.49 -31.56 -26.73
CA ALA C 60 18.48 -31.17 -25.75
C ALA C 60 18.60 -32.23 -24.66
N ARG C 61 19.77 -32.24 -24.00
CA ARG C 61 20.04 -33.09 -22.85
C ARG C 61 20.28 -32.16 -21.67
N LEU C 62 19.35 -32.12 -20.72
CA LEU C 62 19.48 -31.30 -19.53
C LEU C 62 19.66 -32.22 -18.34
N ASN C 63 20.64 -31.91 -17.48
CA ASN C 63 20.93 -32.71 -16.30
C ASN C 63 21.49 -31.84 -15.19
N ASN C 64 21.01 -32.05 -13.95
CA ASN C 64 21.53 -31.37 -12.78
C ASN C 64 21.38 -29.86 -12.93
N ILE C 65 20.13 -29.41 -13.00
CA ILE C 65 19.82 -28.00 -13.17
C ILE C 65 18.97 -27.57 -11.98
N THR C 66 19.42 -26.52 -11.28
CA THR C 66 18.71 -26.00 -10.13
C THR C 66 18.40 -24.53 -10.37
N ILE C 67 17.13 -24.15 -10.27
CA ILE C 67 16.71 -22.76 -10.33
C ILE C 67 16.08 -22.45 -8.98
N ILE C 68 16.48 -21.33 -8.37
CA ILE C 68 15.90 -20.85 -7.13
C ILE C 68 15.39 -19.43 -7.37
N GLY C 69 14.10 -19.22 -7.10
CA GLY C 69 13.50 -17.91 -7.23
C GLY C 69 13.99 -16.93 -6.17
N PRO C 70 13.55 -15.66 -6.22
CA PRO C 70 13.98 -14.66 -5.25
C PRO C 70 13.37 -14.79 -3.86
N LEU C 71 13.92 -13.98 -2.93
CA LEU C 71 13.51 -13.95 -1.53
C LEU C 71 13.67 -15.33 -0.88
N ASP C 72 14.87 -15.89 -0.99
CA ASP C 72 15.19 -17.14 -0.31
C ASP C 72 15.89 -16.82 1.01
N MET C 73 15.34 -17.30 2.13
CA MET C 73 15.89 -17.05 3.47
C MET C 73 16.20 -18.38 4.14
N LYS C 74 17.43 -18.55 4.63
CA LYS C 74 17.88 -19.83 5.16
C LYS C 74 18.86 -19.58 6.30
N GLN C 75 18.67 -20.25 7.45
CA GLN C 75 19.50 -20.07 8.65
C GLN C 75 19.47 -18.63 9.15
N ILE C 76 18.28 -18.16 9.50
CA ILE C 76 18.12 -16.86 10.13
C ILE C 76 17.86 -17.12 11.62
N ASP C 77 18.38 -16.25 12.48
CA ASP C 77 18.27 -16.44 13.92
C ASP C 77 18.11 -15.10 14.63
N TYR C 78 17.13 -15.03 15.53
CA TYR C 78 16.91 -13.86 16.36
C TYR C 78 16.91 -14.30 17.82
N THR C 79 17.75 -13.64 18.63
CA THR C 79 17.93 -13.95 20.03
C THR C 79 17.86 -12.65 20.82
N VAL C 80 16.74 -12.42 21.49
CA VAL C 80 16.51 -11.21 22.26
C VAL C 80 16.08 -11.63 23.67
N PRO C 81 17.02 -12.09 24.51
CA PRO C 81 16.67 -12.45 25.89
C PRO C 81 16.58 -11.18 26.74
N THR C 82 15.65 -11.20 27.71
CA THR C 82 15.50 -10.13 28.68
C THR C 82 15.49 -10.74 30.08
N VAL C 83 16.48 -10.36 30.89
CA VAL C 83 16.58 -10.84 32.26
C VAL C 83 16.55 -9.62 33.16
N ILE C 84 15.66 -9.64 34.17
CA ILE C 84 15.61 -8.60 35.18
C ILE C 84 15.70 -9.27 36.55
N ALA C 85 16.77 -8.95 37.29
CA ALA C 85 16.99 -9.42 38.66
C ALA C 85 16.93 -8.23 39.60
N GLU C 86 16.08 -8.32 40.65
CA GLU C 86 15.92 -7.26 41.63
C GLU C 86 16.08 -7.81 43.05
N GLU C 87 16.75 -7.02 43.90
CA GLU C 87 16.94 -7.37 45.30
C GLU C 87 16.84 -6.10 46.14
N MET C 88 15.74 -5.96 46.88
CA MET C 88 15.48 -4.77 47.71
C MET C 88 15.56 -3.52 46.84
N SER C 89 14.83 -3.55 45.72
CA SER C 89 14.97 -2.52 44.70
C SER C 89 13.60 -2.02 44.27
N TYR C 90 13.59 -0.82 43.67
CA TYR C 90 12.39 -0.26 43.06
C TYR C 90 12.65 -0.16 41.57
N MET C 91 11.61 -0.47 40.78
CA MET C 91 11.71 -0.36 39.33
C MET C 91 10.36 0.02 38.74
N TYR C 92 10.33 1.07 37.90
CA TYR C 92 9.13 1.54 37.23
C TYR C 92 9.38 1.59 35.72
N ASP C 93 8.55 0.90 34.93
CA ASP C 93 8.64 0.93 33.48
C ASP C 93 7.34 1.47 32.92
N PHE C 94 7.47 2.48 32.04
CA PHE C 94 6.34 3.08 31.33
C PHE C 94 6.69 3.11 29.85
N CYS C 95 5.81 2.56 28.99
CA CYS C 95 5.91 2.68 27.55
C CYS C 95 7.21 2.03 27.07
N THR C 96 7.29 0.72 27.28
CA THR C 96 8.43 -0.09 26.91
C THR C 96 8.02 -1.03 25.79
N LEU C 97 8.81 -1.06 24.71
CA LEU C 97 8.47 -1.83 23.53
C LEU C 97 9.67 -2.62 23.03
N ILE C 98 9.49 -3.93 22.84
CA ILE C 98 10.46 -4.77 22.14
C ILE C 98 9.79 -5.24 20.87
N SER C 99 10.30 -4.80 19.71
CA SER C 99 9.68 -5.10 18.43
C SER C 99 10.68 -5.88 17.58
N ILE C 100 10.26 -7.05 17.07
CA ILE C 100 11.09 -7.83 16.17
C ILE C 100 10.25 -8.16 14.95
N LYS C 101 10.72 -7.78 13.75
CA LYS C 101 10.03 -8.10 12.51
C LYS C 101 8.60 -7.59 12.58
N VAL C 102 8.43 -6.28 12.71
CA VAL C 102 7.11 -5.68 12.64
C VAL C 102 6.98 -5.04 11.27
N HIS C 103 5.88 -5.32 10.57
CA HIS C 103 5.62 -4.80 9.24
C HIS C 103 4.27 -4.09 9.25
N ASN C 104 4.18 -2.98 8.52
CA ASN C 104 2.91 -2.33 8.23
C ASN C 104 2.36 -2.80 6.88
N ILE C 105 2.98 -2.44 5.76
CA ILE C 105 2.46 -2.70 4.42
C ILE C 105 3.46 -3.56 3.67
N VAL C 106 2.99 -4.62 3.02
CA VAL C 106 3.79 -5.38 2.07
C VAL C 106 2.93 -5.54 0.81
N LEU C 107 3.34 -4.92 -0.31
CA LEU C 107 2.71 -5.13 -1.60
C LEU C 107 3.70 -5.82 -2.55
N MET C 108 3.31 -6.98 -3.07
CA MET C 108 4.12 -7.76 -3.99
C MET C 108 3.33 -7.95 -5.27
N MET C 109 3.97 -7.66 -6.41
CA MET C 109 3.43 -7.83 -7.74
C MET C 109 4.49 -8.48 -8.64
N GLN C 110 4.10 -9.52 -9.39
CA GLN C 110 4.98 -10.20 -10.34
C GLN C 110 6.31 -10.62 -9.71
N VAL C 111 6.26 -11.31 -8.57
CA VAL C 111 7.43 -11.87 -7.94
C VAL C 111 7.47 -13.33 -8.37
N THR C 112 8.33 -13.63 -9.34
CA THR C 112 8.28 -14.92 -10.02
C THR C 112 9.68 -15.40 -10.35
N VAL C 113 9.77 -16.59 -10.95
CA VAL C 113 11.01 -17.00 -11.59
C VAL C 113 11.08 -16.47 -13.01
N THR C 114 10.04 -16.73 -13.82
CA THR C 114 9.96 -16.21 -15.17
C THR C 114 8.66 -15.43 -15.34
N THR C 115 8.75 -14.29 -16.05
CA THR C 115 7.60 -13.45 -16.33
C THR C 115 7.67 -12.99 -17.79
N THR C 116 6.50 -12.96 -18.44
CA THR C 116 6.31 -12.15 -19.62
C THR C 116 5.04 -11.32 -19.44
N TYR C 117 5.14 -9.98 -19.50
CA TYR C 117 4.03 -9.10 -19.18
C TYR C 117 3.76 -8.13 -20.32
N PHE C 118 2.49 -8.00 -20.71
CA PHE C 118 2.06 -6.99 -21.66
C PHE C 118 0.98 -6.12 -21.02
N GLY C 119 1.27 -4.84 -20.75
CA GLY C 119 0.25 -3.89 -20.35
C GLY C 119 0.70 -2.92 -19.27
N HIS C 120 -0.19 -2.60 -18.32
CA HIS C 120 0.03 -1.52 -17.36
C HIS C 120 0.10 -2.12 -15.95
N SER C 121 1.03 -1.63 -15.13
CA SER C 121 1.17 -2.05 -13.74
C SER C 121 1.33 -0.82 -12.86
N GLU C 122 0.68 -0.79 -11.70
CA GLU C 122 0.84 0.35 -10.82
C GLU C 122 0.73 -0.07 -9.35
N GLN C 123 1.48 0.61 -8.48
CA GLN C 123 1.30 0.47 -7.04
C GLN C 123 1.26 1.87 -6.43
N ILE C 124 0.22 2.18 -5.65
CA ILE C 124 0.11 3.46 -4.98
C ILE C 124 -0.07 3.21 -3.49
N SER C 125 0.70 3.92 -2.66
CA SER C 125 0.55 3.89 -1.22
C SER C 125 0.39 5.30 -0.68
N GLN C 126 -0.67 5.57 0.08
CA GLN C 126 -0.80 6.84 0.78
C GLN C 126 -1.12 6.58 2.25
N GLU C 127 -0.35 7.16 3.17
CA GLU C 127 -0.66 6.96 4.57
C GLU C 127 -0.17 8.06 5.49
N ARG C 128 -0.77 8.12 6.67
CA ARG C 128 -0.19 8.82 7.81
C ARG C 128 0.21 7.78 8.84
N TYR C 129 1.48 7.77 9.26
CA TYR C 129 2.08 6.68 10.01
C TYR C 129 2.63 7.24 11.32
N GLN C 130 2.32 6.56 12.42
CA GLN C 130 2.79 6.98 13.73
C GLN C 130 3.02 5.74 14.57
N TYR C 131 4.27 5.47 14.94
CA TYR C 131 4.60 4.21 15.58
C TYR C 131 4.32 4.27 17.08
N VAL C 132 4.95 5.19 17.80
CA VAL C 132 4.77 5.27 19.25
C VAL C 132 4.40 6.69 19.63
N ASP C 133 3.36 6.81 20.46
CA ASP C 133 2.94 8.06 21.05
C ASP C 133 2.59 7.78 22.50
N CYS C 134 3.53 8.07 23.41
CA CYS C 134 3.24 7.92 24.83
C CYS C 134 3.76 9.14 25.58
N GLY C 135 2.89 10.15 25.70
CA GLY C 135 3.17 11.39 26.40
C GLY C 135 2.65 11.37 27.82
N SER D 1 -7.92 2.49 -11.79
CA SER D 1 -9.22 2.86 -11.15
C SER D 1 -9.46 4.36 -11.17
N ILE D 2 -10.70 4.76 -10.88
CA ILE D 2 -11.10 6.16 -10.85
C ILE D 2 -11.78 6.44 -9.52
N ASP D 3 -11.40 7.56 -8.87
CA ASP D 3 -12.12 8.10 -7.72
C ASP D 3 -11.98 7.13 -6.53
N VAL D 4 -10.73 6.92 -6.11
CA VAL D 4 -10.42 6.11 -4.93
C VAL D 4 -9.95 7.07 -3.85
N LYS D 5 -10.79 7.32 -2.84
CA LYS D 5 -10.58 8.44 -1.94
C LYS D 5 -10.66 7.96 -0.49
N TYR D 6 -9.72 8.42 0.34
CA TYR D 6 -9.77 8.22 1.78
C TYR D 6 -10.07 9.58 2.40
N ILE D 7 -11.22 9.69 3.08
CA ILE D 7 -11.65 10.91 3.72
C ILE D 7 -11.74 10.63 5.22
N GLY D 8 -10.96 11.36 6.02
CA GLY D 8 -10.90 11.10 7.45
C GLY D 8 -12.18 11.41 8.23
N VAL D 9 -12.82 12.53 7.94
CA VAL D 9 -14.04 12.87 8.68
C VAL D 9 -15.23 13.00 7.76
N LYS D 10 -15.21 13.97 6.83
CA LYS D 10 -16.43 14.48 6.22
C LYS D 10 -16.23 14.71 4.72
N SER D 11 -17.19 14.30 3.91
CA SER D 11 -17.15 14.54 2.48
C SER D 11 -18.46 15.18 2.00
N ALA D 12 -18.36 16.08 1.04
CA ALA D 12 -19.55 16.65 0.41
C ALA D 12 -19.27 17.18 -0.98
N TYR D 13 -20.33 17.46 -1.72
CA TYR D 13 -20.18 18.24 -2.94
C TYR D 13 -20.34 19.73 -2.63
N VAL D 14 -21.46 20.12 -2.00
CA VAL D 14 -21.59 21.47 -1.51
C VAL D 14 -21.99 21.43 -0.05
N SER D 15 -21.24 22.12 0.80
CA SER D 15 -21.44 22.09 2.25
C SER D 15 -21.78 23.50 2.75
N TYR D 16 -22.80 23.60 3.62
CA TYR D 16 -23.10 24.83 4.34
C TYR D 16 -23.17 24.50 5.82
N ASP D 17 -22.19 23.77 6.32
CA ASP D 17 -22.21 23.32 7.69
C ASP D 17 -21.97 24.51 8.64
N VAL D 18 -22.69 24.51 9.77
CA VAL D 18 -22.55 25.54 10.80
C VAL D 18 -22.21 24.86 12.11
N GLN D 19 -21.17 25.36 12.79
CA GLN D 19 -20.59 24.73 13.96
C GLN D 19 -21.15 25.40 15.22
N LYS D 20 -20.62 24.98 16.38
CA LYS D 20 -21.05 25.41 17.70
C LYS D 20 -20.92 26.93 17.91
N ARG D 21 -21.83 27.46 18.74
CA ARG D 21 -21.79 28.85 19.19
C ARG D 21 -21.73 29.79 17.99
N THR D 22 -22.82 29.79 17.23
CA THR D 22 -22.87 30.56 16.00
C THR D 22 -24.19 31.30 15.93
N ILE D 23 -24.17 32.48 15.31
CA ILE D 23 -25.38 33.19 14.94
C ILE D 23 -25.44 33.23 13.41
N TYR D 24 -26.24 32.32 12.84
CA TYR D 24 -26.47 32.27 11.41
C TYR D 24 -27.82 32.97 11.15
N LEU D 25 -27.78 34.20 10.62
CA LEU D 25 -28.96 35.06 10.57
C LEU D 25 -29.01 35.85 9.27
N ASN D 26 -30.15 35.77 8.56
CA ASN D 26 -30.40 36.59 7.38
C ASN D 26 -29.56 36.16 6.17
N ILE D 27 -29.61 34.86 5.87
CA ILE D 27 -28.74 34.29 4.86
C ILE D 27 -29.62 33.85 3.69
N THR D 28 -29.12 34.11 2.48
CA THR D 28 -29.78 33.68 1.25
C THR D 28 -28.79 32.82 0.47
N ASN D 29 -29.09 31.52 0.33
CA ASN D 29 -28.22 30.57 -0.35
C ASN D 29 -28.94 30.06 -1.60
N THR D 30 -28.35 30.31 -2.78
CA THR D 30 -28.95 29.94 -4.05
C THR D 30 -27.97 29.08 -4.84
N LEU D 31 -28.35 27.83 -5.13
CA LEU D 31 -27.45 26.87 -5.75
C LEU D 31 -28.11 26.24 -6.98
N ASN D 32 -27.37 26.27 -8.09
CA ASN D 32 -27.82 25.83 -9.40
C ASN D 32 -26.78 24.88 -9.98
N ILE D 33 -26.99 23.56 -9.81
CA ILE D 33 -26.00 22.55 -10.16
C ILE D 33 -26.40 21.86 -11.46
N THR D 34 -25.43 21.72 -12.36
CA THR D 34 -25.50 20.78 -13.48
C THR D 34 -24.23 19.93 -13.46
N ASN D 35 -24.30 18.74 -12.83
CA ASN D 35 -23.16 17.88 -12.57
C ASN D 35 -23.41 16.51 -13.21
N ASN D 36 -22.80 16.26 -14.36
CA ASN D 36 -23.02 15.02 -15.10
C ASN D 36 -21.69 14.28 -15.29
N ASN D 37 -21.74 12.95 -15.13
CA ASN D 37 -20.56 12.12 -15.25
C ASN D 37 -20.85 11.01 -16.26
N TYR D 38 -19.95 10.86 -17.25
CA TYR D 38 -20.06 9.84 -18.28
C TYR D 38 -18.81 8.96 -18.24
N TYR D 39 -18.98 7.68 -17.91
CA TYR D 39 -17.89 6.74 -17.74
C TYR D 39 -17.94 5.66 -18.80
N SER D 40 -16.78 5.36 -19.39
CA SER D 40 -16.59 4.24 -20.29
C SER D 40 -15.28 3.54 -19.87
N VAL D 41 -15.38 2.51 -19.01
CA VAL D 41 -14.25 1.92 -18.32
C VAL D 41 -14.19 0.42 -18.59
N GLU D 42 -13.00 -0.07 -19.01
CA GLU D 42 -12.78 -1.47 -19.33
C GLU D 42 -13.76 -1.92 -20.42
N VAL D 43 -13.73 -1.21 -21.56
CA VAL D 43 -14.65 -1.45 -22.65
C VAL D 43 -13.85 -2.03 -23.79
N GLU D 44 -14.21 -3.23 -24.25
CA GLU D 44 -13.54 -3.87 -25.37
C GLU D 44 -14.44 -3.77 -26.58
N ASN D 45 -13.88 -3.27 -27.70
CA ASN D 45 -14.59 -3.15 -28.96
C ASN D 45 -13.75 -3.82 -30.04
N ILE D 46 -13.89 -5.15 -30.12
CA ILE D 46 -12.98 -5.98 -30.88
C ILE D 46 -13.77 -6.76 -31.93
N THR D 47 -13.32 -6.75 -33.19
CA THR D 47 -13.96 -7.59 -34.21
C THR D 47 -13.66 -9.07 -33.92
N ALA D 48 -12.38 -9.46 -34.02
CA ALA D 48 -11.94 -10.82 -33.75
C ALA D 48 -10.97 -10.83 -32.58
N GLN D 49 -11.25 -11.66 -31.55
CA GLN D 49 -10.39 -11.82 -30.39
C GLN D 49 -10.05 -13.31 -30.21
N VAL D 50 -8.76 -13.64 -30.20
CA VAL D 50 -8.32 -15.02 -29.99
C VAL D 50 -7.33 -15.01 -28.83
N GLN D 51 -7.63 -15.76 -27.78
CA GLN D 51 -6.77 -15.84 -26.61
C GLN D 51 -6.67 -17.31 -26.23
N PHE D 52 -5.46 -17.83 -26.05
CA PHE D 52 -5.37 -19.20 -25.57
C PHE D 52 -4.04 -19.50 -24.91
N SER D 53 -4.03 -20.61 -24.20
CA SER D 53 -2.83 -21.15 -23.59
C SER D 53 -2.64 -22.56 -24.15
N LYS D 54 -1.41 -22.93 -24.49
CA LYS D 54 -1.15 -24.26 -25.03
C LYS D 54 0.11 -24.83 -24.40
N THR D 55 0.02 -26.09 -23.94
CA THR D 55 1.16 -26.80 -23.40
C THR D 55 1.22 -28.17 -24.07
N VAL D 56 2.27 -28.39 -24.86
CA VAL D 56 2.44 -29.62 -25.62
C VAL D 56 3.72 -30.32 -25.14
N ILE D 57 3.62 -31.63 -24.88
CA ILE D 57 4.79 -32.47 -24.60
C ILE D 57 4.83 -33.59 -25.63
N GLY D 58 5.93 -33.65 -26.39
CA GLY D 58 6.10 -34.58 -27.50
C GLY D 58 6.71 -35.90 -27.06
N LYS D 59 7.86 -36.27 -27.66
CA LYS D 59 8.51 -37.54 -27.42
C LYS D 59 9.69 -37.31 -26.48
N ALA D 60 9.38 -36.83 -25.28
CA ALA D 60 10.39 -36.45 -24.30
C ALA D 60 10.51 -37.53 -23.23
N ARG D 61 11.69 -37.55 -22.59
CA ARG D 61 11.97 -38.41 -21.45
C ARG D 61 12.23 -37.50 -20.25
N LEU D 62 11.30 -37.47 -19.29
CA LEU D 62 11.44 -36.66 -18.09
C LEU D 62 11.64 -37.60 -16.92
N ASN D 63 12.63 -37.31 -16.07
CA ASN D 63 12.91 -38.12 -14.91
C ASN D 63 13.49 -37.27 -13.78
N ASN D 64 13.02 -37.49 -12.54
CA ASN D 64 13.56 -36.83 -11.36
C ASN D 64 13.41 -35.31 -11.50
N ILE D 65 12.16 -34.85 -11.55
CA ILE D 65 11.86 -33.44 -11.69
C ILE D 65 11.02 -33.03 -10.50
N THR D 66 11.48 -31.99 -9.78
CA THR D 66 10.77 -31.48 -8.62
C THR D 66 10.47 -30.00 -8.84
N ILE D 67 9.20 -29.63 -8.73
CA ILE D 67 8.79 -28.24 -8.76
C ILE D 67 8.16 -27.93 -7.40
N ILE D 68 8.57 -26.83 -6.79
CA ILE D 68 8.01 -26.36 -5.53
C ILE D 68 7.50 -24.94 -5.75
N GLY D 69 6.22 -24.73 -5.46
CA GLY D 69 5.62 -23.41 -5.58
C GLY D 69 6.12 -22.45 -4.50
N PRO D 70 5.68 -21.18 -4.53
CA PRO D 70 6.12 -20.20 -3.55
C PRO D 70 5.53 -20.34 -2.16
N LEU D 71 6.08 -19.55 -1.22
CA LEU D 71 5.68 -19.54 0.18
C LEU D 71 5.85 -20.92 0.81
N ASP D 72 7.05 -21.49 0.68
CA ASP D 72 7.37 -22.74 1.35
C ASP D 72 8.08 -22.44 2.66
N MET D 73 7.54 -22.93 3.79
CA MET D 73 8.10 -22.70 5.11
C MET D 73 8.41 -24.04 5.76
N LYS D 74 9.65 -24.22 6.24
CA LYS D 74 10.10 -25.51 6.75
C LYS D 74 11.09 -25.27 7.88
N GLN D 75 10.91 -25.96 9.03
CA GLN D 75 11.75 -25.80 10.22
C GLN D 75 11.73 -24.36 10.74
N ILE D 76 10.54 -23.89 11.11
CA ILE D 76 10.39 -22.60 11.75
C ILE D 76 10.15 -22.88 13.24
N ASP D 77 10.68 -22.02 14.11
CA ASP D 77 10.58 -22.24 15.55
C ASP D 77 10.44 -20.91 16.28
N TYR D 78 9.46 -20.83 17.19
CA TYR D 78 9.25 -19.68 18.05
C TYR D 78 9.26 -20.13 19.49
N THR D 79 10.11 -19.49 20.30
CA THR D 79 10.31 -19.83 21.69
C THR D 79 10.25 -18.53 22.50
N VAL D 80 9.13 -18.31 23.18
CA VAL D 80 8.92 -17.10 23.98
C VAL D 80 8.50 -17.54 25.38
N PRO D 81 9.44 -18.02 26.21
CA PRO D 81 9.10 -18.39 27.59
C PRO D 81 9.02 -17.13 28.45
N THR D 82 8.11 -17.17 29.43
CA THR D 82 7.96 -16.09 30.41
C THR D 82 7.97 -16.73 31.79
N VAL D 83 8.95 -16.37 32.61
CA VAL D 83 9.08 -16.86 33.97
C VAL D 83 9.06 -15.66 34.89
N ILE D 84 8.18 -15.68 35.91
CA ILE D 84 8.14 -14.65 36.93
C ILE D 84 8.24 -15.35 38.29
N ALA D 85 9.32 -15.04 39.03
CA ALA D 85 9.55 -15.53 40.38
C ALA D 85 9.50 -14.35 41.34
N GLU D 86 8.67 -14.46 42.40
CA GLU D 86 8.52 -13.41 43.40
C GLU D 86 8.69 -13.98 44.80
N GLU D 87 9.37 -13.20 45.66
CA GLU D 87 9.57 -13.56 47.06
C GLU D 87 9.48 -12.30 47.91
N MET D 88 8.39 -12.16 48.67
CA MET D 88 8.14 -11.00 49.51
C MET D 88 8.21 -9.73 48.66
N SER D 89 7.47 -9.74 47.55
CA SER D 89 7.61 -8.70 46.53
C SER D 89 6.24 -8.18 46.13
N TYR D 90 6.22 -6.99 45.54
CA TYR D 90 5.02 -6.41 44.95
C TYR D 90 5.26 -6.29 43.45
N MET D 91 4.21 -6.59 42.67
CA MET D 91 4.30 -6.47 41.23
C MET D 91 2.95 -6.07 40.65
N TYR D 92 2.92 -5.02 39.82
CA TYR D 92 1.71 -4.53 39.17
C TYR D 92 1.94 -4.46 37.66
N ASP D 93 1.10 -5.13 36.87
CA ASP D 93 1.18 -5.09 35.42
C ASP D 93 -0.13 -4.53 34.87
N PHE D 94 0.00 -3.51 34.01
CA PHE D 94 -1.13 -2.91 33.32
C PHE D 94 -0.79 -2.87 31.83
N CYS D 95 -1.69 -3.39 30.98
CA CYS D 95 -1.60 -3.26 29.54
C CYS D 95 -0.31 -3.90 29.03
N THR D 96 -0.23 -5.22 29.23
CA THR D 96 0.91 -6.02 28.84
C THR D 96 0.49 -6.95 27.71
N LEU D 97 1.27 -6.98 26.62
CA LEU D 97 0.91 -7.72 25.43
C LEU D 97 2.11 -8.51 24.91
N ILE D 98 1.93 -9.82 24.71
CA ILE D 98 2.88 -10.64 23.99
C ILE D 98 2.19 -11.09 22.72
N SER D 99 2.70 -10.65 21.56
CA SER D 99 2.07 -10.93 20.28
C SER D 99 3.05 -11.70 19.42
N ILE D 100 2.63 -12.86 18.90
CA ILE D 100 3.45 -13.63 17.98
C ILE D 100 2.60 -13.94 16.76
N LYS D 101 3.06 -13.55 15.57
CA LYS D 101 2.36 -13.85 14.33
C LYS D 101 0.92 -13.34 14.41
N VAL D 102 0.75 -12.03 14.56
CA VAL D 102 -0.56 -11.42 14.51
C VAL D 102 -0.70 -10.76 13.15
N HIS D 103 -1.81 -11.04 12.45
CA HIS D 103 -2.08 -10.50 11.14
C HIS D 103 -3.43 -9.79 11.16
N ASN D 104 -3.53 -8.66 10.45
CA ASN D 104 -4.79 -8.01 10.19
C ASN D 104 -5.36 -8.45 8.83
N ILE D 105 -4.74 -8.09 7.71
CA ILE D 105 -5.27 -8.34 6.37
C ILE D 105 -4.28 -9.19 5.61
N VAL D 106 -4.76 -10.23 4.94
CA VAL D 106 -3.98 -10.99 3.97
C VAL D 106 -4.85 -11.13 2.73
N LEU D 107 -4.44 -10.50 1.61
CA LEU D 107 -5.09 -10.68 0.32
C LEU D 107 -4.11 -11.35 -0.64
N MET D 108 -4.51 -12.51 -1.19
CA MET D 108 -3.71 -13.29 -2.12
C MET D 108 -4.51 -13.45 -3.39
N MET D 109 -3.87 -13.15 -4.54
CA MET D 109 -4.44 -13.31 -5.86
C MET D 109 -3.39 -13.94 -6.77
N GLN D 110 -3.79 -14.98 -7.53
CA GLN D 110 -2.92 -15.64 -8.51
C GLN D 110 -1.57 -16.08 -7.89
N VAL D 111 -1.62 -16.79 -6.76
CA VAL D 111 -0.45 -17.37 -6.14
C VAL D 111 -0.41 -18.81 -6.60
N THR D 112 0.43 -19.10 -7.58
CA THR D 112 0.37 -20.37 -8.28
C THR D 112 1.78 -20.86 -8.62
N VAL D 113 1.85 -22.03 -9.24
CA VAL D 113 3.09 -22.45 -9.89
C VAL D 113 3.13 -21.89 -11.31
N THR D 114 2.10 -22.15 -12.10
CA THR D 114 2.00 -21.61 -13.46
C THR D 114 0.70 -20.82 -13.61
N THR D 115 0.79 -19.67 -14.30
CA THR D 115 -0.36 -18.83 -14.56
C THR D 115 -0.31 -18.34 -16.01
N THR D 116 -1.48 -18.31 -16.66
CA THR D 116 -1.69 -17.47 -17.82
C THR D 116 -2.94 -16.65 -17.61
N TYR D 117 -2.83 -15.31 -17.66
CA TYR D 117 -3.94 -14.44 -17.32
C TYR D 117 -4.23 -13.44 -18.45
N PHE D 118 -5.50 -13.31 -18.82
CA PHE D 118 -5.93 -12.28 -19.76
C PHE D 118 -7.01 -11.42 -19.09
N GLY D 119 -6.70 -10.16 -18.81
CA GLY D 119 -7.72 -9.20 -18.39
C GLY D 119 -7.25 -8.25 -17.29
N HIS D 120 -8.13 -7.94 -16.34
CA HIS D 120 -7.91 -6.87 -15.37
C HIS D 120 -7.82 -7.48 -13.96
N SER D 121 -6.89 -7.01 -13.15
CA SER D 121 -6.74 -7.44 -11.77
C SER D 121 -6.56 -6.22 -10.87
N GLU D 122 -7.20 -6.21 -9.70
CA GLU D 122 -7.03 -5.08 -8.80
C GLU D 122 -7.13 -5.52 -7.34
N GLN D 123 -6.37 -4.86 -6.46
CA GLN D 123 -6.54 -5.01 -5.03
C GLN D 123 -6.56 -3.62 -4.41
N ILE D 124 -7.59 -3.31 -3.61
CA ILE D 124 -7.69 -2.05 -2.92
C ILE D 124 -7.86 -2.31 -1.43
N SER D 125 -7.07 -1.61 -0.62
CA SER D 125 -7.22 -1.67 0.84
C SER D 125 -7.36 -0.26 1.39
N GLN D 126 -8.43 0.00 2.17
CA GLN D 126 -8.55 1.26 2.89
C GLN D 126 -8.85 0.99 4.35
N GLU D 127 -8.07 1.55 5.28
CA GLU D 127 -8.37 1.34 6.68
C GLU D 127 -7.87 2.42 7.61
N ARG D 128 -8.45 2.46 8.80
CA ARG D 128 -7.87 3.15 9.93
C ARG D 128 -7.46 2.09 10.95
N TYR D 129 -6.18 2.09 11.35
CA TYR D 129 -5.58 0.98 12.09
C TYR D 129 -5.01 1.52 13.40
N GLN D 130 -5.32 0.83 14.49
CA GLN D 130 -4.84 1.23 15.80
C GLN D 130 -4.60 -0.02 16.63
N TYR D 131 -3.35 -0.30 16.98
CA TYR D 131 -3.02 -1.57 17.60
C TYR D 131 -3.29 -1.53 19.11
N VAL D 132 -2.64 -0.62 19.83
CA VAL D 132 -2.81 -0.56 21.28
C VAL D 132 -3.17 0.86 21.69
N ASP D 133 -4.21 0.97 22.52
CA ASP D 133 -4.62 2.22 23.12
C ASP D 133 -4.95 1.91 24.58
N CYS D 134 -4.00 2.19 25.48
CA CYS D 134 -4.27 2.02 26.90
C CYS D 134 -3.75 3.23 27.68
N GLY D 135 -4.62 4.24 27.81
CA GLY D 135 -4.32 5.48 28.53
C GLY D 135 -4.84 5.45 29.95
C1 NAG E . -28.52 44.02 6.38
C2 NAG E . -28.67 45.09 7.47
C3 NAG E . -30.05 45.73 7.39
C4 NAG E . -30.32 46.19 5.96
C5 NAG E . -30.30 44.98 5.04
C6 NAG E . -30.54 45.31 3.58
C7 NAG E . -27.29 44.95 9.53
C8 NAG E . -27.08 44.25 10.83
N2 NAG E . -28.40 44.64 8.83
O3 NAG E . -30.13 46.82 8.31
O4 NAG E . -31.60 46.83 5.92
O5 NAG E . -29.01 44.35 5.09
O6 NAG E . -29.50 46.14 3.04
O7 NAG E . -26.50 45.80 9.14
C1 NAG F . -25.06 29.80 -15.18
C2 NAG F . -25.72 31.09 -15.74
C3 NAG F . -26.48 30.83 -17.04
C4 NAG F . -25.59 30.04 -18.00
C5 NAG F . -25.29 28.69 -17.36
C6 NAG F . -24.45 27.78 -18.23
C7 NAG F . -26.17 32.87 -14.08
C8 NAG F . -27.10 33.41 -13.05
N2 NAG F . -26.57 31.80 -14.79
O3 NAG F . -26.88 32.07 -17.60
O4 NAG F . -26.26 29.87 -19.25
O5 NAG F . -24.55 28.88 -16.14
O6 NAG F . -23.21 28.40 -18.59
O7 NAG F . -25.07 33.39 -14.25
C1 NAG G . -11.91 2.58 -33.63
C2 NAG G . -12.27 4.04 -33.94
C3 NAG G . -13.00 4.17 -35.28
C4 NAG G . -12.25 3.41 -36.36
C5 NAG G . -12.25 1.92 -35.97
C6 NAG G . -11.58 1.02 -37.00
C7 NAG G . -12.45 5.28 -31.82
C8 NAG G . -13.38 5.84 -30.79
N2 NAG G . -13.02 4.72 -32.91
O3 NAG G . -13.08 5.56 -35.61
O4 NAG G . -12.90 3.59 -37.62
O5 NAG G . -11.53 1.75 -34.73
O6 NAG G . -10.28 1.49 -37.37
O7 NAG G . -11.24 5.34 -31.67
C1 NAG H . 21.45 -37.57 -9.40
C2 NAG H . 22.70 -38.32 -9.83
C3 NAG H . 23.04 -39.45 -8.86
C4 NAG H . 23.09 -38.96 -7.42
C5 NAG H . 21.75 -38.25 -7.11
C6 NAG H . 21.68 -37.64 -5.73
C7 NAG H . 22.78 -38.06 -12.28
C8 NAG H . 22.67 -38.77 -13.61
N2 NAG H . 22.49 -38.77 -11.19
O3 NAG H . 24.28 -40.05 -9.24
O4 NAG H . 23.30 -40.05 -6.53
O5 NAG H . 21.55 -37.17 -8.04
O6 NAG H . 21.64 -36.20 -5.77
O7 NAG H . 23.14 -36.89 -12.23
C1 NAG I . -20.91 49.58 3.54
C2 NAG I . -21.08 50.67 4.61
C3 NAG I . -22.46 51.31 4.51
C4 NAG I . -22.72 51.75 3.07
C5 NAG I . -22.69 50.52 2.16
C6 NAG I . -22.91 50.83 0.70
C7 NAG I . -19.72 50.56 6.68
C8 NAG I . -19.51 49.87 8.00
N2 NAG I . -20.82 50.23 5.97
O3 NAG I . -22.55 52.40 5.41
O4 NAG I . -23.99 52.38 3.01
O5 NAG I . -21.39 49.89 2.24
O6 NAG I . -21.87 51.66 0.16
O7 NAG I . -18.92 51.40 6.30
C1 NAG J . -17.23 35.10 -17.81
C2 NAG J . -17.88 36.37 -18.39
C3 NAG J . -18.62 36.10 -19.69
C4 NAG J . -17.72 35.30 -20.63
C5 NAG J . -17.42 33.96 -19.97
C6 NAG J . -16.57 33.04 -20.82
C7 NAG J . -18.34 38.17 -16.75
C8 NAG J . -19.29 38.74 -15.73
N2 NAG J . -18.74 37.10 -17.45
O3 NAG J . -19.02 37.33 -20.28
O4 NAG J . -18.38 35.10 -21.89
O5 NAG J . -16.69 34.17 -18.76
O6 NAG J . -15.34 33.66 -21.17
O7 NAG J . -17.25 38.70 -16.93
C1 NAG K . -3.83 7.68 -35.78
C2 NAG K . -4.19 9.13 -36.12
C3 NAG K . -4.90 9.24 -37.46
C4 NAG K . -4.15 8.47 -38.53
C5 NAG K . -4.15 6.99 -38.11
C6 NAG K . -3.46 6.08 -39.12
C7 NAG K . -4.39 10.40 -34.01
C8 NAG K . -5.34 10.96 -32.99
N2 NAG K . -4.95 9.83 -35.09
O3 NAG K . -4.99 10.63 -37.80
O4 NAG K . -4.78 8.63 -39.80
O5 NAG K . -3.44 6.83 -36.87
O6 NAG K . -2.16 6.55 -39.49
O7 NAG K . -3.17 10.47 -33.85
C1 NAG L . 29.41 -32.06 -10.73
C2 NAG L . 30.67 -32.82 -11.15
C3 NAG L . 31.00 -33.94 -10.15
C4 NAG L . 31.03 -33.42 -8.71
C5 NAG L . 29.70 -32.72 -8.43
C6 NAG L . 29.61 -32.09 -7.06
C7 NAG L . 30.76 -32.59 -13.59
C8 NAG L . 30.67 -33.31 -14.91
N2 NAG L . 30.47 -33.29 -12.49
O3 NAG L . 32.25 -34.54 -10.50
O4 NAG L . 31.24 -34.51 -7.80
O5 NAG L . 29.49 -31.65 -9.38
O6 NAG L . 29.57 -30.65 -7.11
O7 NAG L . 31.13 -31.42 -13.55
C1 NAG M . -24.71 46.80 4.96
C2 NAG M . -24.88 47.88 6.04
C3 NAG M . -26.26 48.52 5.95
C4 NAG M . -26.53 48.97 4.52
C5 NAG M . -26.50 47.75 3.61
C6 NAG M . -26.73 48.08 2.14
C7 NAG M . -23.51 47.75 8.10
C8 NAG M . -23.30 47.06 9.42
N2 NAG M . -24.61 47.44 7.40
O3 NAG M . -26.34 49.61 6.87
O4 NAG M . -27.80 49.61 4.47
O5 NAG M . -25.20 47.13 3.67
O6 NAG M . -25.69 48.90 1.60
O7 NAG M . -22.71 48.60 7.71
C1 NAG N . -21.15 32.45 -16.50
C2 NAG N . -21.80 33.73 -17.06
C3 NAG N . -22.55 33.46 -18.37
C4 NAG N . -21.66 32.67 -19.32
C5 NAG N . -21.35 31.33 -18.67
C6 NAG N . -20.51 30.41 -19.53
C7 NAG N . -22.26 35.53 -15.42
C8 NAG N . -23.19 36.08 -14.39
N2 NAG N . -22.65 34.45 -16.13
O3 NAG N . -22.95 34.70 -18.94
O4 NAG N . -22.33 32.49 -20.57
O5 NAG N . -20.61 31.53 -17.44
O6 NAG N . -19.27 31.03 -19.89
O7 NAG N . -21.16 36.05 -15.59
C1 NAG O . -7.87 5.13 -34.70
C2 NAG O . -8.23 6.59 -35.04
C3 NAG O . -8.95 6.71 -36.37
C4 NAG O . -8.20 5.93 -37.45
C5 NAG O . -8.20 4.45 -37.05
C6 NAG O . -7.52 3.55 -38.06
C7 NAG O . -8.42 7.84 -32.92
C8 NAG O . -9.36 8.40 -31.89
N2 NAG O . -8.99 7.28 -34.00
O3 NAG O . -9.03 8.09 -36.71
O4 NAG O . -8.84 6.11 -38.71
O5 NAG O . -7.49 4.29 -35.80
O6 NAG O . -6.22 4.02 -38.43
O7 NAG O . -7.21 7.90 -32.76
C1 NAG P . 25.43 -34.82 -10.06
C2 NAG P . 26.69 -35.57 -10.49
C3 NAG P . 27.02 -36.70 -9.51
C4 NAG P . 27.06 -36.19 -8.07
C5 NAG P . 25.73 -35.49 -7.77
C6 NAG P . 25.65 -34.87 -6.39
C7 NAG P . 26.77 -35.33 -12.95
C8 NAG P . 26.67 -36.04 -14.26
N2 NAG P . 26.48 -36.03 -11.85
O3 NAG P . 28.26 -37.30 -9.87
O4 NAG P . 27.27 -37.28 -7.17
O5 NAG P . 25.52 -34.41 -8.71
O6 NAG P . 25.61 -33.43 -6.44
O7 NAG P . 27.14 -34.16 -12.89
C1 NAG Q . -32.31 41.22 7.80
C2 NAG Q . -32.46 42.30 8.90
C3 NAG Q . -33.84 42.94 8.83
C4 NAG Q . -34.13 43.42 7.41
C5 NAG Q . -34.11 42.21 6.47
C6 NAG Q . -34.35 42.55 5.02
C7 NAG Q . -31.08 42.15 10.95
C8 NAG Q . -30.85 41.42 12.24
N2 NAG Q . -32.18 41.83 10.24
O3 NAG Q . -33.91 44.01 9.75
O4 NAG Q . -35.40 44.04 7.37
O5 NAG Q . -32.81 41.57 6.51
O6 NAG Q . -33.32 43.37 4.48
O7 NAG Q . -30.28 42.99 10.56
C1 NAG R . -28.98 27.15 -13.87
C2 NAG R . -29.64 28.44 -14.41
C3 NAG R . -30.40 28.19 -15.72
C4 NAG R . -29.52 27.41 -16.68
C5 NAG R . -29.21 26.05 -16.06
C6 NAG R . -28.38 25.15 -16.94
C7 NAG R . -30.07 30.21 -12.74
C8 NAG R . -31.00 30.75 -11.70
N2 NAG R . -30.48 29.15 -13.46
O3 NAG R . -30.80 29.43 -16.27
O4 NAG R . -30.20 27.25 -17.93
O5 NAG R . -28.47 26.23 -14.84
O6 NAG R . -27.14 25.76 -17.30
O7 NAG R . -28.98 30.74 -12.92
C1 NAG S . -15.95 0.03 -32.55
C2 NAG S . -16.31 1.50 -32.86
C3 NAG S . -17.04 1.63 -34.18
C4 NAG S . -16.30 0.87 -35.27
C5 NAG S . -16.30 -0.62 -34.90
C6 NAG S . -15.63 -1.51 -35.94
C7 NAG S . -16.48 2.72 -30.73
C8 NAG S . -17.40 3.27 -29.67
N2 NAG S . -17.05 2.17 -31.81
O3 NAG S . -17.13 3.01 -34.50
O4 NAG S . -16.95 1.06 -36.53
O5 NAG S . -15.58 -0.80 -33.66
O6 NAG S . -14.33 -1.04 -36.31
O7 NAG S . -15.27 2.78 -30.58
C1 NAG T . 17.47 -40.31 -8.73
C2 NAG T . 18.73 -41.07 -9.18
C3 NAG T . 19.06 -42.21 -8.22
C4 NAG T . 19.11 -41.72 -6.77
C5 NAG T . 17.79 -41.02 -6.45
C6 NAG T . 17.72 -40.41 -5.06
C7 NAG T . 18.78 -40.79 -11.63
C8 NAG T . 18.67 -41.49 -12.96
N2 NAG T . 18.50 -41.51 -10.54
O3 NAG T . 20.29 -42.80 -8.60
O4 NAG T . 19.33 -42.82 -5.89
O5 NAG T . 17.57 -39.93 -7.38
O6 NAG T . 17.68 -38.97 -5.10
O7 NAG T . 19.15 -39.62 -11.56
#